data_3FBR
#
_entry.id   3FBR
#
_cell.length_a   128.400
_cell.length_b   128.400
_cell.length_c   203.920
_cell.angle_alpha   90.00
_cell.angle_beta   90.00
_cell.angle_gamma   90.00
#
_symmetry.space_group_name_H-M   'I 4 2 2'
#
loop_
_entity.id
_entity.type
_entity.pdbx_description
1 polymer 'Serine/threonine-protein kinase toxin HipA'
2 polymer 'peptide of EF-Tu'
3 non-polymer 'PHOSPHOMETHYLPHOSPHONIC ACID ADENYLATE ESTER'
4 water water
#
loop_
_entity_poly.entity_id
_entity_poly.type
_entity_poly.pdbx_seq_one_letter_code
_entity_poly.pdbx_strand_id
1 'polypeptide(L)'
;MPKLVTWMNNQRVGELTKLANGAHTFKYAPEWLASRYARPLSLSLPLQRGNITSDAVFNFFDNLLPDSPIVRDRIVKRYH
AKSRQPFDLLSEIGRDSVGAVTLIPEDETVTHPIMAWEKLTEARLEEVLTAYKADIPLGMIREENDFRISVAGAQEKTAL
LRIGNDWCIPKGITPTTHIIKLPIGEIRQPNATLDLSQSVDNEYYCLLLAKELGLNVPDAEIIKAGNVRALAVERFDRRW
NAERTVLLRLPQEDMCQTFGLPSSVKYESDGGPGIARIMAFLMGSSEALKDRYDFMKFQVFQWLIGATQGHAKNFSVFIQ
AGGSYRLTPFYDIISAFPVLGGTGIHISDLKLAMGLNASKGKKTAIDKIYPRHFLATAKVLRFPEVQMHEILSDFARMIP
AALDNVKTSLPTDFPENVVTAVESNVLRLHGRLSREY
;
A
2 'polypeptide(L)' (UNK)(UNK)(UNK)(UNK)(UNK)(UNK)(UNK)(UNK)(UNK) B
#
# COMPACT_ATOMS: atom_id res chain seq x y z
N PRO A 2 12.53 3.25 28.35
CA PRO A 2 12.05 2.22 27.39
C PRO A 2 12.16 2.78 25.98
N LYS A 3 13.33 2.60 25.37
CA LYS A 3 13.56 3.13 24.03
C LYS A 3 13.33 2.12 22.93
N LEU A 4 13.60 2.56 21.70
CA LEU A 4 13.41 1.77 20.50
C LEU A 4 14.20 2.43 19.37
N VAL A 5 15.52 2.27 19.40
CA VAL A 5 16.41 2.87 18.43
C VAL A 5 15.91 2.78 16.97
N THR A 6 15.76 3.93 16.31
CA THR A 6 15.26 3.95 14.95
C THR A 6 16.30 4.22 13.88
N TRP A 7 16.54 3.22 13.04
CA TRP A 7 17.52 3.37 11.97
C TRP A 7 16.84 3.45 10.61
N MET A 8 17.56 4.00 9.65
CA MET A 8 17.06 4.13 8.30
C MET A 8 18.20 3.50 7.54
N ASN A 9 17.93 2.31 7.00
CA ASN A 9 18.94 1.53 6.32
C ASN A 9 19.97 1.28 7.38
N ASN A 10 21.18 1.82 7.28
CA ASN A 10 22.07 1.51 8.37
C ASN A 10 22.52 2.69 9.21
N GLN A 11 22.00 3.86 8.86
CA GLN A 11 22.29 5.11 9.56
C GLN A 11 21.21 5.36 10.61
N ARG A 12 21.62 5.91 11.76
CA ARG A 12 20.73 6.19 12.90
C ARG A 12 19.99 7.51 12.78
N VAL A 13 18.68 7.43 12.96
CA VAL A 13 17.83 8.59 12.85
C VAL A 13 17.41 9.20 14.17
N GLY A 14 17.09 8.34 15.13
CA GLY A 14 16.67 8.81 16.42
C GLY A 14 16.09 7.66 17.21
N GLU A 15 15.26 7.96 18.20
CA GLU A 15 14.70 6.90 19.02
C GLU A 15 13.26 7.06 19.52
N LEU A 16 12.41 6.10 19.17
CA LEU A 16 11.02 6.11 19.62
C LEU A 16 10.96 5.60 21.04
N THR A 17 10.08 6.18 21.86
CA THR A 17 9.99 5.69 23.22
C THR A 17 8.56 5.71 23.74
N LYS A 18 8.18 4.62 24.40
CA LYS A 18 6.87 4.47 24.98
C LYS A 18 6.87 5.12 26.35
N LEU A 19 6.12 6.21 26.48
CA LEU A 19 6.02 6.93 27.76
C LEU A 19 5.43 6.11 28.91
N ALA A 20 5.56 6.63 30.13
CA ALA A 20 5.05 5.94 31.30
C ALA A 20 3.52 5.97 31.38
N ASN A 21 2.87 6.71 30.49
CA ASN A 21 1.43 6.79 30.53
C ASN A 21 0.86 6.16 29.28
N GLY A 22 1.76 5.78 28.39
CA GLY A 22 1.35 5.16 27.14
C GLY A 22 1.66 5.99 25.91
N ALA A 23 1.88 7.30 26.09
CA ALA A 23 2.17 8.18 24.96
C ALA A 23 3.46 7.77 24.24
N HIS A 24 3.63 8.27 23.03
CA HIS A 24 4.80 7.97 22.21
C HIS A 24 5.63 9.21 21.86
N THR A 25 6.91 9.16 22.14
CA THR A 25 7.78 10.28 21.84
C THR A 25 9.01 9.84 21.04
N PHE A 26 9.33 10.63 20.02
CA PHE A 26 10.47 10.35 19.16
C PHE A 26 11.43 11.53 19.23
N LYS A 27 12.71 11.27 19.00
CA LYS A 27 13.71 12.33 19.03
C LYS A 27 14.83 11.95 18.10
N TYR A 28 15.09 12.82 17.13
CA TYR A 28 16.12 12.62 16.14
C TYR A 28 17.50 12.75 16.76
N ALA A 29 18.38 11.83 16.38
CA ALA A 29 19.72 11.85 16.93
C ALA A 29 20.49 13.00 16.32
N PRO A 30 21.36 13.64 17.12
CA PRO A 30 22.14 14.76 16.61
C PRO A 30 22.88 14.40 15.33
N GLU A 31 23.41 13.19 15.30
CA GLU A 31 24.16 12.68 14.13
C GLU A 31 23.36 12.83 12.83
N TRP A 32 22.08 12.50 12.93
CA TRP A 32 21.16 12.57 11.80
C TRP A 32 20.83 14.04 11.49
N LEU A 33 20.51 14.80 12.53
CA LEU A 33 20.16 16.21 12.40
C LEU A 33 21.27 17.02 11.76
N ALA A 34 22.50 16.75 12.20
CA ALA A 34 23.68 17.45 11.69
C ALA A 34 24.29 16.73 10.50
N SER A 35 23.60 16.80 9.37
CA SER A 35 24.03 16.15 8.12
C SER A 35 23.31 16.76 6.91
N ARG A 36 24.08 17.28 5.96
CA ARG A 36 23.51 17.91 4.76
C ARG A 36 22.60 16.98 3.93
N TYR A 37 22.80 15.67 4.10
CA TYR A 37 22.04 14.65 3.38
C TYR A 37 21.07 13.90 4.31
N ALA A 38 20.30 14.63 5.12
CA ALA A 38 19.38 13.97 6.04
C ALA A 38 17.93 14.32 5.78
N ARG A 39 17.07 13.33 6.00
CA ARG A 39 15.63 13.49 5.82
C ARG A 39 14.86 13.04 7.05
N PRO A 40 13.64 13.59 7.23
CA PRO A 40 12.79 13.27 8.37
C PRO A 40 12.23 11.89 8.33
N LEU A 41 11.68 11.51 9.48
CA LEU A 41 11.06 10.23 9.65
C LEU A 41 9.79 10.26 8.81
N SER A 42 9.16 11.42 8.80
CA SER A 42 7.94 11.58 8.06
C SER A 42 7.59 13.05 7.94
N LEU A 43 6.92 13.36 6.84
CA LEU A 43 6.47 14.71 6.51
C LEU A 43 5.40 15.21 7.48
N SER A 44 5.16 14.43 8.54
CA SER A 44 4.19 14.78 9.55
C SER A 44 4.99 15.08 10.81
N LEU A 45 6.30 14.97 10.67
CA LEU A 45 7.22 15.26 11.75
C LEU A 45 8.59 15.57 11.17
N PRO A 46 8.80 16.83 10.73
CA PRO A 46 10.06 17.27 10.14
C PRO A 46 11.17 17.32 11.14
N LEU A 47 12.41 17.39 10.64
CA LEU A 47 13.58 17.46 11.49
C LEU A 47 13.41 18.54 12.54
N GLN A 48 13.95 18.28 13.74
CA GLN A 48 13.86 19.22 14.85
C GLN A 48 14.56 18.65 16.07
N ARG A 49 15.14 19.56 16.84
CA ARG A 49 15.86 19.21 18.07
C ARG A 49 14.83 18.96 19.18
N GLY A 50 15.25 18.18 20.16
CA GLY A 50 14.37 17.89 21.26
C GLY A 50 13.41 16.76 20.96
N ASN A 51 12.54 16.52 21.94
CA ASN A 51 11.56 15.45 21.88
C ASN A 51 10.31 15.90 21.12
N ILE A 52 9.54 14.91 20.65
CA ILE A 52 8.30 15.18 19.91
C ILE A 52 7.19 14.30 20.44
N THR A 53 6.08 14.94 20.77
CA THR A 53 4.91 14.27 21.35
C THR A 53 3.66 14.15 20.46
N SER A 54 3.62 14.94 19.38
CA SER A 54 2.47 14.98 18.46
C SER A 54 1.72 13.68 18.26
N ASP A 55 0.41 13.78 18.18
CA ASP A 55 -0.38 12.59 17.97
C ASP A 55 0.21 11.99 16.70
N ALA A 56 0.92 12.81 15.94
CA ALA A 56 1.55 12.35 14.71
C ALA A 56 2.63 11.30 14.98
N VAL A 57 3.45 11.52 16.01
CA VAL A 57 4.52 10.57 16.31
C VAL A 57 3.95 9.20 16.70
N PHE A 58 2.64 9.14 16.89
CA PHE A 58 1.98 7.88 17.24
C PHE A 58 1.38 7.30 15.98
N ASN A 59 0.53 8.10 15.34
CA ASN A 59 -0.10 7.65 14.13
C ASN A 59 0.91 7.15 13.14
N PHE A 60 2.02 7.87 13.00
CA PHE A 60 3.01 7.40 12.05
C PHE A 60 3.31 5.94 12.29
N PHE A 61 3.73 5.61 13.50
CA PHE A 61 4.06 4.21 13.81
C PHE A 61 2.86 3.25 13.81
N ASP A 62 1.66 3.71 14.13
CA ASP A 62 0.49 2.83 14.13
C ASP A 62 0.18 2.41 12.69
N ASN A 63 0.44 3.28 11.72
CA ASN A 63 0.18 2.93 10.32
C ASN A 63 1.20 1.90 9.84
N LEU A 64 2.27 1.75 10.61
CA LEU A 64 3.32 0.79 10.26
C LEU A 64 2.96 -0.58 10.78
N LEU A 65 1.68 -0.82 10.99
CA LEU A 65 1.30 -2.12 11.48
C LEU A 65 0.12 -2.56 10.64
N PRO A 66 -0.25 -3.85 10.74
CA PRO A 66 -1.39 -4.37 9.97
C PRO A 66 -2.72 -3.66 10.24
N ASP A 67 -3.58 -3.66 9.24
CA ASP A 67 -4.86 -3.02 9.39
C ASP A 67 -5.92 -4.00 9.76
N SER A 68 -5.50 -5.16 10.24
CA SER A 68 -6.48 -6.14 10.64
C SER A 68 -6.33 -6.61 12.05
N PRO A 69 -7.41 -6.52 12.82
CA PRO A 69 -7.32 -6.97 14.21
C PRO A 69 -6.70 -8.37 14.28
N ILE A 70 -7.24 -9.30 13.50
CA ILE A 70 -6.74 -10.67 13.49
C ILE A 70 -5.22 -10.73 13.39
N VAL A 71 -4.67 -10.17 12.34
CA VAL A 71 -3.23 -10.16 12.18
C VAL A 71 -2.53 -9.72 13.45
N ARG A 72 -3.01 -8.62 14.04
CA ARG A 72 -2.41 -8.08 15.28
C ARG A 72 -2.79 -8.96 16.45
N ASP A 73 -3.87 -9.69 16.29
CA ASP A 73 -4.31 -10.57 17.34
C ASP A 73 -3.26 -11.68 17.39
N ARG A 74 -2.66 -11.96 16.25
CA ARG A 74 -1.64 -13.01 16.14
C ARG A 74 -0.23 -12.52 16.50
N ILE A 75 0.13 -11.36 15.95
CA ILE A 75 1.42 -10.74 16.19
C ILE A 75 1.77 -10.75 17.64
N VAL A 76 0.75 -10.63 18.49
CA VAL A 76 0.95 -10.61 19.92
C VAL A 76 1.30 -12.02 20.39
N LYS A 77 0.30 -12.89 20.47
CA LYS A 77 0.55 -14.28 20.88
C LYS A 77 1.82 -14.86 20.26
N ARG A 78 2.16 -14.39 19.07
CA ARG A 78 3.34 -14.90 18.40
C ARG A 78 4.60 -14.71 19.22
N TYR A 79 4.91 -13.45 19.50
CA TYR A 79 6.10 -13.11 20.24
C TYR A 79 5.80 -12.57 21.64
N HIS A 80 4.59 -12.82 22.12
CA HIS A 80 4.19 -12.35 23.45
C HIS A 80 4.49 -10.86 23.62
N ALA A 81 3.76 -10.03 22.88
CA ALA A 81 3.95 -8.59 22.95
C ALA A 81 3.45 -8.07 24.27
N LYS A 82 4.05 -6.99 24.78
CA LYS A 82 3.64 -6.40 26.05
C LYS A 82 2.19 -5.92 25.96
N SER A 83 1.84 -5.37 24.79
CA SER A 83 0.50 -4.84 24.56
C SER A 83 0.13 -4.78 23.09
N ARG A 84 -0.99 -4.10 22.82
CA ARG A 84 -1.54 -3.93 21.47
C ARG A 84 -1.32 -2.53 20.90
N GLN A 85 -0.50 -1.75 21.58
CA GLN A 85 -0.20 -0.39 21.16
C GLN A 85 0.91 -0.45 20.14
N PRO A 86 0.86 0.44 19.14
CA PRO A 86 1.84 0.51 18.06
C PRO A 86 3.31 0.30 18.48
N PHE A 87 3.67 0.69 19.68
CA PHE A 87 5.04 0.52 20.15
C PHE A 87 5.39 -0.92 20.47
N ASP A 88 4.93 -1.41 21.62
CA ASP A 88 5.17 -2.78 22.07
C ASP A 88 5.04 -3.82 20.98
N LEU A 89 4.15 -3.58 20.02
CA LEU A 89 3.98 -4.52 18.90
C LEU A 89 5.22 -4.40 18.01
N LEU A 90 5.54 -3.18 17.62
CA LEU A 90 6.69 -2.95 16.76
C LEU A 90 7.98 -3.40 17.41
N SER A 91 8.04 -3.35 18.74
CA SER A 91 9.25 -3.78 19.42
C SER A 91 9.54 -5.16 18.94
N GLU A 92 8.48 -5.87 18.58
CA GLU A 92 8.64 -7.23 18.12
C GLU A 92 8.98 -7.28 16.64
N ILE A 93 7.98 -7.16 15.79
CA ILE A 93 8.23 -7.23 14.35
C ILE A 93 8.65 -5.93 13.64
N GLY A 94 9.02 -4.91 14.41
CA GLY A 94 9.41 -3.66 13.80
C GLY A 94 10.62 -3.66 12.88
N ARG A 95 11.32 -4.78 12.70
CA ARG A 95 12.52 -4.76 11.82
C ARG A 95 12.28 -4.29 10.39
N ASP A 96 12.09 -5.21 9.44
CA ASP A 96 11.84 -4.81 8.06
C ASP A 96 10.39 -4.35 7.94
N SER A 97 10.18 -3.05 7.73
CA SER A 97 8.82 -2.54 7.56
C SER A 97 8.78 -1.76 6.24
N VAL A 98 7.58 -1.35 5.86
CA VAL A 98 7.34 -0.57 4.63
C VAL A 98 8.10 0.75 4.75
N GLY A 99 9.00 1.00 3.80
CA GLY A 99 9.78 2.21 3.85
C GLY A 99 11.19 1.82 4.26
N ALA A 100 11.91 2.72 4.90
CA ALA A 100 13.29 2.42 5.32
C ALA A 100 13.46 2.53 6.85
N VAL A 101 12.35 2.61 7.57
CA VAL A 101 12.42 2.72 9.02
C VAL A 101 12.66 1.35 9.62
N THR A 102 13.56 1.31 10.61
CA THR A 102 13.90 0.08 11.31
C THR A 102 13.94 0.36 12.79
N LEU A 103 13.18 -0.42 13.55
CA LEU A 103 13.12 -0.24 15.00
C LEU A 103 13.77 -1.39 15.74
N ILE A 104 14.78 -1.07 16.54
CA ILE A 104 15.51 -2.06 17.31
C ILE A 104 15.48 -1.73 18.80
N PRO A 105 15.14 -2.74 19.63
CA PRO A 105 15.07 -2.64 21.09
C PRO A 105 16.35 -2.05 21.65
N GLU A 106 16.19 -0.93 22.34
CA GLU A 106 17.27 -0.18 22.96
C GLU A 106 18.43 -1.02 23.56
N ASP A 107 18.10 -2.19 24.10
CA ASP A 107 19.11 -3.04 24.74
C ASP A 107 19.68 -4.22 23.94
N GLU A 108 18.87 -4.92 23.15
CA GLU A 108 19.43 -6.03 22.38
C GLU A 108 20.11 -5.50 21.14
N THR A 109 21.39 -5.18 21.29
CA THR A 109 22.26 -4.64 20.23
C THR A 109 22.65 -5.68 19.19
N VAL A 110 22.92 -5.19 17.98
CA VAL A 110 23.25 -6.04 16.85
C VAL A 110 24.67 -6.54 16.64
N THR A 111 24.75 -7.85 16.42
CA THR A 111 25.99 -8.56 16.08
C THR A 111 25.44 -9.33 14.91
N HIS A 112 26.08 -10.43 14.58
CA HIS A 112 25.64 -11.30 13.48
C HIS A 112 25.86 -10.59 12.14
N PRO A 113 26.14 -11.34 11.07
CA PRO A 113 26.34 -10.69 9.77
C PRO A 113 25.10 -9.83 9.56
N ILE A 114 25.27 -8.60 9.11
CA ILE A 114 24.15 -7.70 8.91
C ILE A 114 23.04 -8.25 8.00
N MET A 115 23.37 -8.56 6.76
CA MET A 115 22.37 -9.06 5.83
C MET A 115 22.48 -10.58 5.65
N ALA A 116 21.70 -11.32 6.44
CA ALA A 116 21.67 -12.78 6.38
C ALA A 116 20.24 -13.26 6.19
N TRP A 117 20.06 -14.40 5.52
CA TRP A 117 18.74 -14.95 5.26
C TRP A 117 18.71 -16.45 5.48
N GLU A 118 17.88 -17.14 4.71
CA GLU A 118 17.78 -18.59 4.82
C GLU A 118 16.90 -19.10 3.70
N LYS A 119 17.53 -19.66 2.67
CA LYS A 119 16.81 -20.21 1.51
C LYS A 119 15.63 -21.05 1.94
N LEU A 120 14.62 -21.11 1.07
CA LEU A 120 13.42 -21.88 1.36
C LEU A 120 13.14 -22.97 0.34
N THR A 121 12.83 -24.15 0.88
CA THR A 121 12.51 -25.32 0.10
C THR A 121 11.09 -25.11 -0.42
N GLU A 122 10.81 -25.68 -1.59
CA GLU A 122 9.49 -25.57 -2.23
C GLU A 122 8.44 -26.03 -1.23
N ALA A 123 8.73 -27.13 -0.53
CA ALA A 123 7.84 -27.71 0.45
C ALA A 123 7.74 -26.94 1.77
N ARG A 124 8.60 -25.95 1.96
CA ARG A 124 8.57 -25.15 3.19
C ARG A 124 7.91 -23.80 2.92
N LEU A 125 8.01 -23.33 1.68
CA LEU A 125 7.43 -22.05 1.29
C LEU A 125 5.93 -22.07 1.49
N GLU A 126 5.31 -23.20 1.14
CA GLU A 126 3.87 -23.39 1.26
C GLU A 126 3.38 -23.08 2.67
N GLU A 127 4.27 -23.35 3.63
CA GLU A 127 4.02 -23.10 5.04
C GLU A 127 3.90 -21.59 5.20
N VAL A 128 5.00 -20.89 4.91
CA VAL A 128 4.99 -19.45 5.04
C VAL A 128 3.76 -18.86 4.36
N LEU A 129 3.25 -19.53 3.32
CA LEU A 129 2.08 -19.02 2.61
C LEU A 129 0.74 -19.40 3.25
N THR A 130 0.74 -20.46 4.05
CA THR A 130 -0.47 -20.90 4.72
C THR A 130 -0.24 -20.85 6.24
N ALA A 131 0.48 -19.83 6.70
CA ALA A 131 0.80 -19.69 8.12
C ALA A 131 -0.41 -19.37 8.95
N TYR A 132 -1.48 -18.88 8.31
CA TYR A 132 -2.68 -18.55 9.06
C TYR A 132 -3.25 -19.80 9.72
N LYS A 133 -3.04 -20.93 9.06
CA LYS A 133 -3.53 -22.20 9.59
C LYS A 133 -2.82 -22.55 10.90
N ALA A 134 -1.79 -21.79 11.27
CA ALA A 134 -1.06 -22.08 12.49
C ALA A 134 -1.16 -20.95 13.47
N ASP A 135 -1.96 -19.96 13.09
CA ASP A 135 -2.20 -18.77 13.90
C ASP A 135 -0.98 -17.89 13.96
N ILE A 136 -0.36 -17.71 12.81
CA ILE A 136 0.84 -16.90 12.73
C ILE A 136 0.60 -15.65 11.92
N PRO A 137 1.22 -14.54 12.33
CA PRO A 137 1.05 -13.29 11.61
C PRO A 137 2.13 -13.07 10.57
N LEU A 138 1.74 -12.48 9.44
CA LEU A 138 2.64 -12.16 8.33
C LEU A 138 3.53 -13.33 7.85
N GLY A 139 3.09 -14.54 8.11
CA GLY A 139 3.83 -15.72 7.71
C GLY A 139 5.23 -15.77 8.26
N MET A 140 5.34 -15.94 9.56
CA MET A 140 6.63 -15.99 10.20
C MET A 140 6.82 -17.28 10.99
N ILE A 141 7.30 -18.32 10.31
CA ILE A 141 7.55 -19.63 10.92
C ILE A 141 8.09 -19.56 12.33
N ARG A 142 7.57 -20.41 13.19
CA ARG A 142 7.97 -20.48 14.60
C ARG A 142 9.39 -21.09 14.86
N GLU A 143 9.68 -22.21 14.21
CA GLU A 143 10.98 -22.90 14.35
C GLU A 143 12.09 -21.84 14.51
N GLU A 144 12.24 -20.97 13.52
CA GLU A 144 13.26 -19.93 13.54
C GLU A 144 12.98 -18.96 14.68
N ASN A 145 13.00 -17.68 14.32
CA ASN A 145 12.74 -16.55 15.22
C ASN A 145 13.29 -15.23 14.65
N ASP A 146 14.04 -15.34 13.55
CA ASP A 146 14.65 -14.23 12.87
C ASP A 146 13.63 -13.41 12.08
N PHE A 147 12.51 -14.04 11.79
CA PHE A 147 11.43 -13.41 11.05
C PHE A 147 10.71 -12.34 11.87
N ARG A 148 10.90 -11.08 11.47
CA ARG A 148 10.29 -9.99 12.20
C ARG A 148 9.80 -8.89 11.26
N ILE A 149 9.22 -9.30 10.13
CA ILE A 149 8.68 -8.37 9.16
C ILE A 149 7.46 -7.68 9.70
N SER A 150 6.99 -6.72 8.91
CA SER A 150 5.81 -5.93 9.21
C SER A 150 5.40 -5.29 7.90
N VAL A 151 4.09 -5.25 7.67
CA VAL A 151 3.54 -4.67 6.46
C VAL A 151 2.19 -4.13 6.80
N ALA A 152 1.79 -3.04 6.15
CA ALA A 152 0.48 -2.43 6.38
C ALA A 152 -0.66 -3.29 5.80
N GLY A 153 -1.72 -2.62 5.36
CA GLY A 153 -2.85 -3.34 4.78
C GLY A 153 -3.65 -4.23 5.71
N ALA A 154 -4.64 -4.92 5.17
CA ALA A 154 -5.52 -5.81 5.95
C ALA A 154 -5.57 -7.25 5.40
N GLN A 155 -5.08 -7.41 4.17
CA GLN A 155 -5.06 -8.71 3.48
C GLN A 155 -3.98 -9.66 4.02
N GLU A 156 -4.29 -10.96 4.10
CA GLU A 156 -3.30 -11.91 4.61
C GLU A 156 -2.14 -11.96 3.66
N LYS A 157 -1.03 -11.33 4.03
CA LYS A 157 0.14 -11.32 3.16
C LYS A 157 1.41 -11.67 3.92
N THR A 158 2.55 -11.53 3.23
CA THR A 158 3.87 -11.79 3.81
C THR A 158 4.88 -11.10 2.89
N ALA A 159 6.10 -10.90 3.37
CA ALA A 159 7.14 -10.27 2.58
C ALA A 159 8.42 -11.06 2.78
N LEU A 160 9.02 -11.45 1.65
CA LEU A 160 10.23 -12.26 1.60
C LEU A 160 11.39 -11.59 0.84
N LEU A 161 12.54 -12.25 0.83
CA LEU A 161 13.75 -11.76 0.17
C LEU A 161 14.21 -12.72 -0.92
N ARG A 162 14.06 -12.38 -2.19
CA ARG A 162 14.51 -13.32 -3.21
C ARG A 162 15.93 -13.09 -3.67
N ILE A 163 16.74 -14.14 -3.56
CA ILE A 163 18.13 -14.09 -3.99
C ILE A 163 18.24 -14.92 -5.26
N GLY A 164 18.61 -14.25 -6.34
CA GLY A 164 18.74 -14.92 -7.63
C GLY A 164 17.48 -15.68 -8.00
N ASN A 165 17.53 -17.00 -7.87
CA ASN A 165 16.39 -17.84 -8.17
C ASN A 165 16.14 -18.72 -6.95
N ASP A 166 15.75 -18.11 -5.83
CA ASP A 166 15.47 -18.83 -4.59
C ASP A 166 14.68 -17.88 -3.69
N TRP A 167 13.74 -18.40 -2.90
CA TRP A 167 12.91 -17.62 -1.97
C TRP A 167 13.51 -17.75 -0.58
N CYS A 168 14.06 -16.66 -0.05
CA CYS A 168 14.70 -16.65 1.26
C CYS A 168 13.99 -15.85 2.34
N ILE A 169 13.95 -16.40 3.55
CA ILE A 169 13.34 -15.66 4.65
C ILE A 169 14.45 -14.85 5.30
N PRO A 170 14.44 -13.52 5.11
CA PRO A 170 15.50 -12.70 5.71
C PRO A 170 15.68 -12.90 7.21
N LYS A 171 16.87 -12.58 7.71
CA LYS A 171 17.16 -12.72 9.13
C LYS A 171 17.58 -11.36 9.69
N GLY A 172 17.48 -11.22 11.01
CA GLY A 172 17.86 -9.98 11.66
C GLY A 172 17.24 -8.78 11.00
N ILE A 173 18.08 -7.98 10.36
CA ILE A 173 17.57 -6.81 9.67
C ILE A 173 17.72 -6.86 8.16
N THR A 174 17.62 -8.05 7.58
CA THR A 174 17.73 -8.21 6.12
C THR A 174 16.43 -7.71 5.44
N PRO A 175 16.53 -6.70 4.54
CA PRO A 175 15.36 -6.15 3.85
C PRO A 175 14.68 -7.15 2.91
N THR A 176 13.39 -7.37 3.10
CA THR A 176 12.62 -8.26 2.22
C THR A 176 12.43 -7.57 0.85
N THR A 177 12.36 -8.34 -0.24
CA THR A 177 12.23 -7.74 -1.57
C THR A 177 10.86 -7.87 -2.22
N HIS A 178 9.96 -8.60 -1.57
CA HIS A 178 8.62 -8.82 -2.11
C HIS A 178 7.50 -8.81 -1.09
N ILE A 179 6.27 -8.84 -1.59
CA ILE A 179 5.10 -8.85 -0.73
C ILE A 179 4.08 -9.82 -1.26
N ILE A 180 4.21 -11.06 -0.81
CA ILE A 180 3.34 -12.13 -1.21
C ILE A 180 2.02 -12.06 -0.44
N LYS A 181 0.98 -11.61 -1.13
CA LYS A 181 -0.34 -11.47 -0.56
C LYS A 181 -1.15 -12.73 -0.90
N LEU A 182 -1.95 -13.22 0.06
CA LEU A 182 -2.83 -14.41 -0.09
C LEU A 182 -4.31 -14.02 -0.25
N PRO A 183 -5.10 -14.87 -0.95
CA PRO A 183 -6.52 -14.63 -1.21
C PRO A 183 -7.51 -14.79 -0.03
N ILE A 184 -7.36 -13.94 0.99
CA ILE A 184 -8.19 -13.94 2.21
C ILE A 184 -8.27 -12.58 2.92
N GLY A 185 -9.48 -12.20 3.37
CA GLY A 185 -9.70 -10.92 4.07
C GLY A 185 -10.89 -10.01 3.66
N GLU A 186 -10.81 -8.71 3.98
CA GLU A 186 -11.87 -7.75 3.60
C GLU A 186 -11.47 -6.66 2.58
N ILE A 187 -12.48 -6.02 2.02
CA ILE A 187 -12.30 -4.97 1.01
C ILE A 187 -13.31 -3.91 1.41
N ARG A 188 -13.55 -2.88 0.59
CA ARG A 188 -14.52 -1.88 1.05
C ARG A 188 -15.69 -1.43 0.17
N GLN A 189 -16.32 -0.37 0.67
CA GLN A 189 -17.50 0.30 0.11
C GLN A 189 -18.28 0.78 1.35
N PRO A 190 -19.48 1.38 1.16
CA PRO A 190 -20.17 1.83 2.37
C PRO A 190 -20.81 0.77 3.27
N ASN A 191 -20.43 0.80 4.52
CA ASN A 191 -20.96 -0.12 5.50
C ASN A 191 -20.72 -1.57 5.10
N ALA A 192 -20.21 -1.79 3.89
CA ALA A 192 -20.00 -3.16 3.46
C ALA A 192 -18.63 -3.58 2.95
N THR A 193 -18.18 -4.68 3.53
CA THR A 193 -16.90 -5.30 3.24
C THR A 193 -17.03 -6.19 2.01
N LEU A 194 -15.91 -6.73 1.52
CA LEU A 194 -15.99 -7.54 0.30
C LEU A 194 -15.27 -8.92 0.12
N ASP A 195 -16.01 -9.83 -0.53
CA ASP A 195 -15.58 -11.20 -0.91
C ASP A 195 -15.92 -11.26 -2.39
N LEU A 196 -14.90 -11.42 -3.23
CA LEU A 196 -15.09 -11.40 -4.68
C LEU A 196 -14.75 -12.65 -5.51
N SER A 197 -13.88 -12.42 -6.48
CA SER A 197 -13.39 -13.45 -7.41
C SER A 197 -12.19 -14.18 -6.78
N GLN A 198 -11.01 -14.10 -7.40
CA GLN A 198 -9.82 -14.73 -6.83
C GLN A 198 -8.78 -13.61 -6.71
N SER A 199 -8.56 -13.16 -5.48
CA SER A 199 -7.63 -12.06 -5.18
C SER A 199 -6.44 -11.97 -6.13
N VAL A 200 -5.62 -13.01 -6.17
CA VAL A 200 -4.46 -13.06 -7.04
C VAL A 200 -4.79 -12.78 -8.51
N ASP A 201 -5.64 -13.60 -9.11
CA ASP A 201 -6.02 -13.40 -10.50
C ASP A 201 -6.51 -11.99 -10.78
N ASN A 202 -7.50 -11.57 -10.01
CA ASN A 202 -8.09 -10.24 -10.12
C ASN A 202 -7.04 -9.18 -10.02
N GLU A 203 -6.31 -9.20 -8.91
CA GLU A 203 -5.27 -8.21 -8.74
C GLU A 203 -4.30 -8.25 -9.91
N TYR A 204 -3.77 -9.43 -10.22
CA TYR A 204 -2.82 -9.60 -11.32
C TYR A 204 -3.38 -8.95 -12.57
N TYR A 205 -4.52 -9.45 -13.01
CA TYR A 205 -5.19 -8.92 -14.19
C TYR A 205 -5.16 -7.39 -14.17
N CYS A 206 -5.66 -6.81 -13.07
CA CYS A 206 -5.70 -5.37 -12.91
C CYS A 206 -4.33 -4.74 -13.10
N LEU A 207 -3.30 -5.39 -12.58
CA LEU A 207 -2.00 -4.81 -12.74
C LEU A 207 -1.61 -4.94 -14.20
N LEU A 208 -1.93 -6.06 -14.83
CA LEU A 208 -1.56 -6.22 -16.25
C LEU A 208 -2.15 -5.14 -17.16
N LEU A 209 -3.40 -4.79 -16.89
CA LEU A 209 -4.11 -3.79 -17.64
C LEU A 209 -3.49 -2.46 -17.30
N ALA A 210 -3.25 -2.25 -16.02
CA ALA A 210 -2.66 -1.01 -15.58
C ALA A 210 -1.40 -0.74 -16.39
N LYS A 211 -0.48 -1.71 -16.38
CA LYS A 211 0.79 -1.62 -17.11
C LYS A 211 0.53 -1.51 -18.62
N GLU A 212 -0.25 -2.43 -19.18
CA GLU A 212 -0.56 -2.39 -20.60
C GLU A 212 -1.15 -1.03 -20.96
N LEU A 213 -1.74 -0.36 -19.97
CA LEU A 213 -2.34 0.95 -20.20
C LEU A 213 -1.37 2.06 -19.87
N GLY A 214 -0.09 1.81 -20.15
CA GLY A 214 0.92 2.82 -19.88
C GLY A 214 0.79 3.42 -18.50
N LEU A 215 0.33 2.63 -17.54
CA LEU A 215 0.21 3.16 -16.19
C LEU A 215 1.35 2.59 -15.39
N ASN A 216 1.89 3.43 -14.50
CA ASN A 216 3.02 3.03 -13.66
C ASN A 216 2.56 2.25 -12.46
N VAL A 217 2.91 0.98 -12.43
CA VAL A 217 2.52 0.13 -11.31
C VAL A 217 3.70 -0.77 -11.00
N PRO A 218 3.63 -1.52 -9.90
CA PRO A 218 4.72 -2.42 -9.51
C PRO A 218 4.87 -3.69 -10.34
N ASP A 219 6.06 -4.26 -10.35
CA ASP A 219 6.30 -5.51 -11.07
C ASP A 219 5.77 -6.68 -10.21
N ALA A 220 4.86 -7.47 -10.76
CA ALA A 220 4.32 -8.59 -10.02
C ALA A 220 3.99 -9.78 -10.92
N GLU A 221 4.20 -10.99 -10.39
CA GLU A 221 3.92 -12.23 -11.11
C GLU A 221 3.18 -13.20 -10.17
N ILE A 222 2.36 -14.08 -10.74
CA ILE A 222 1.61 -15.07 -9.93
C ILE A 222 2.53 -16.25 -9.64
N ILE A 223 2.47 -16.73 -8.40
CA ILE A 223 3.31 -17.86 -8.01
C ILE A 223 2.49 -19.00 -7.45
N LYS A 224 3.11 -20.17 -7.34
CA LYS A 224 2.45 -21.37 -6.81
C LYS A 224 3.37 -22.27 -5.99
N ALA A 225 3.09 -22.37 -4.69
CA ALA A 225 3.90 -23.20 -3.80
C ALA A 225 3.11 -24.44 -3.34
N GLY A 226 2.99 -25.41 -4.24
CA GLY A 226 2.25 -26.61 -3.93
C GLY A 226 0.83 -26.40 -4.42
N ASN A 227 -0.06 -26.10 -3.51
CA ASN A 227 -1.43 -25.87 -3.87
C ASN A 227 -1.79 -24.45 -3.48
N VAL A 228 -0.75 -23.64 -3.19
CA VAL A 228 -0.96 -22.25 -2.80
C VAL A 228 -0.75 -21.28 -3.96
N ARG A 229 -1.82 -20.69 -4.47
CA ARG A 229 -1.64 -19.72 -5.53
C ARG A 229 -1.59 -18.34 -4.86
N ALA A 230 -0.39 -17.79 -4.67
CA ALA A 230 -0.26 -16.47 -4.07
C ALA A 230 0.38 -15.53 -5.08
N LEU A 231 0.25 -14.23 -4.84
CA LEU A 231 0.85 -13.22 -5.73
C LEU A 231 2.01 -12.54 -5.01
N ALA A 232 3.10 -12.27 -5.74
CA ALA A 232 4.28 -11.61 -5.18
C ALA A 232 4.60 -10.38 -6.02
N VAL A 233 4.62 -9.22 -5.36
CA VAL A 233 4.88 -7.94 -6.02
C VAL A 233 6.25 -7.40 -5.64
N GLU A 234 7.03 -6.97 -6.64
CA GLU A 234 8.39 -6.44 -6.41
C GLU A 234 8.42 -5.08 -5.71
N ARG A 235 8.49 -5.12 -4.39
CA ARG A 235 8.55 -3.93 -3.57
C ARG A 235 9.25 -2.80 -4.28
N PHE A 236 8.62 -1.63 -4.34
CA PHE A 236 9.27 -0.53 -5.01
C PHE A 236 9.98 0.38 -4.02
N ASP A 237 10.19 -0.12 -2.80
CA ASP A 237 10.88 0.63 -1.75
C ASP A 237 12.10 -0.16 -1.27
N ARG A 238 12.65 -0.91 -2.22
CA ARG A 238 13.79 -1.77 -2.01
C ARG A 238 14.65 -1.74 -3.26
N ARG A 239 15.96 -1.59 -3.10
CA ARG A 239 16.91 -1.53 -4.24
C ARG A 239 18.34 -1.91 -3.83
N TRP A 240 19.03 -2.74 -4.63
CA TRP A 240 20.42 -3.15 -4.36
C TRP A 240 21.41 -2.08 -4.83
N ASN A 241 22.65 -2.12 -4.35
CA ASN A 241 23.65 -1.14 -4.78
C ASN A 241 23.78 -1.24 -6.30
N ALA A 242 24.45 -0.25 -6.89
CA ALA A 242 24.65 -0.21 -8.33
C ALA A 242 25.18 -1.52 -8.93
N GLU A 243 25.78 -2.36 -8.09
CA GLU A 243 26.33 -3.65 -8.55
C GLU A 243 25.85 -4.89 -7.76
N ARG A 244 24.78 -4.74 -6.98
CA ARG A 244 24.25 -5.84 -6.18
C ARG A 244 25.14 -6.21 -4.98
N THR A 245 25.74 -5.22 -4.34
CA THR A 245 26.63 -5.48 -3.20
C THR A 245 25.86 -5.41 -1.86
N VAL A 246 25.03 -4.38 -1.74
CA VAL A 246 24.20 -4.12 -0.55
C VAL A 246 22.78 -3.82 -0.96
N LEU A 247 21.82 -4.36 -0.19
CA LEU A 247 20.39 -4.13 -0.44
C LEU A 247 19.86 -2.99 0.43
N LEU A 248 19.69 -1.83 -0.19
CA LEU A 248 19.22 -0.63 0.49
C LEU A 248 17.71 -0.48 0.39
N ARG A 249 17.18 0.33 1.31
CA ARG A 249 15.75 0.61 1.41
C ARG A 249 15.40 1.98 0.88
N LEU A 250 14.12 2.23 0.62
CA LEU A 250 13.73 3.53 0.11
C LEU A 250 12.75 4.24 1.01
N PRO A 251 13.23 5.20 1.81
CA PRO A 251 12.30 5.91 2.70
C PRO A 251 10.99 6.23 1.95
N GLN A 252 9.88 5.79 2.54
CA GLN A 252 8.56 5.97 1.96
C GLN A 252 7.48 5.99 3.04
N GLU A 253 6.36 6.60 2.68
CA GLU A 253 5.21 6.69 3.56
C GLU A 253 4.00 6.95 2.69
N ASP A 254 2.81 6.68 3.21
CA ASP A 254 1.56 6.83 2.46
C ASP A 254 0.86 8.16 2.71
N MET A 255 -0.39 8.28 2.25
CA MET A 255 -1.08 9.54 2.41
C MET A 255 -1.79 9.71 3.73
N CYS A 256 -1.67 8.73 4.61
CA CYS A 256 -2.31 8.89 5.89
C CYS A 256 -1.29 9.44 6.85
N GLN A 257 -0.06 8.96 6.71
CA GLN A 257 1.03 9.40 7.55
C GLN A 257 1.52 10.73 7.02
N THR A 258 1.40 10.91 5.72
CA THR A 258 1.86 12.13 5.10
C THR A 258 1.19 13.34 5.77
N PHE A 259 -0.07 13.20 6.19
CA PHE A 259 -0.83 14.27 6.83
C PHE A 259 -0.95 14.12 8.35
N GLY A 260 -0.19 13.20 8.91
CA GLY A 260 -0.23 12.97 10.34
C GLY A 260 -1.57 12.38 10.83
N LEU A 261 -2.43 12.02 9.88
CA LEU A 261 -3.72 11.46 10.23
C LEU A 261 -3.61 10.04 10.67
N PRO A 262 -4.54 9.61 11.51
CA PRO A 262 -4.58 8.24 12.03
C PRO A 262 -4.98 7.23 10.93
N SER A 263 -5.04 5.95 11.30
CA SER A 263 -5.46 4.90 10.41
C SER A 263 -6.97 5.01 10.27
N SER A 264 -7.68 5.24 11.38
CA SER A 264 -9.15 5.35 11.35
C SER A 264 -9.68 6.26 10.26
N VAL A 265 -9.30 7.52 10.33
CA VAL A 265 -9.74 8.50 9.35
C VAL A 265 -9.04 8.30 8.00
N LYS A 266 -9.08 7.09 7.46
CA LYS A 266 -8.44 6.84 6.17
C LYS A 266 -9.41 6.96 5.02
N TYR A 267 -10.70 6.79 5.29
CA TYR A 267 -11.71 6.91 4.22
C TYR A 267 -12.32 8.32 4.18
N GLU A 268 -12.24 8.98 3.03
CA GLU A 268 -12.81 10.32 2.94
C GLU A 268 -14.19 10.43 3.62
N SER A 269 -15.05 9.44 3.43
CA SER A 269 -16.39 9.45 4.02
C SER A 269 -16.30 9.53 5.52
N ASP A 270 -15.17 9.10 6.04
CA ASP A 270 -14.94 9.10 7.47
C ASP A 270 -14.07 10.27 7.85
N GLY A 271 -13.97 11.23 6.94
CA GLY A 271 -13.16 12.40 7.22
C GLY A 271 -11.74 12.29 6.69
N GLY A 272 -11.58 11.53 5.63
CA GLY A 272 -10.27 11.37 5.07
C GLY A 272 -10.07 12.31 3.90
N PRO A 273 -8.85 12.31 3.36
CA PRO A 273 -8.44 13.14 2.23
C PRO A 273 -8.95 12.59 0.90
N GLY A 274 -9.10 13.48 -0.07
CA GLY A 274 -9.59 13.11 -1.38
C GLY A 274 -8.77 13.65 -2.55
N ILE A 275 -9.36 13.60 -3.73
CA ILE A 275 -8.67 14.07 -4.91
C ILE A 275 -8.26 15.52 -4.71
N ALA A 276 -8.97 16.21 -3.82
CA ALA A 276 -8.69 17.62 -3.59
C ALA A 276 -7.62 17.90 -2.55
N ARG A 277 -7.57 17.10 -1.49
CA ARG A 277 -6.57 17.34 -0.47
C ARG A 277 -5.23 16.78 -0.88
N ILE A 278 -5.25 15.66 -1.61
CA ILE A 278 -4.02 15.04 -2.06
C ILE A 278 -3.41 15.79 -3.24
N MET A 279 -4.23 16.17 -4.22
CA MET A 279 -3.73 16.93 -5.37
C MET A 279 -3.09 18.24 -4.86
N ALA A 280 -3.85 19.04 -4.11
CA ALA A 280 -3.35 20.28 -3.59
C ALA A 280 -2.02 20.08 -2.89
N PHE A 281 -1.69 18.82 -2.59
CA PHE A 281 -0.43 18.45 -1.91
C PHE A 281 0.62 18.03 -2.93
N LEU A 282 0.16 17.60 -4.10
CA LEU A 282 1.07 17.17 -5.15
C LEU A 282 1.67 18.38 -5.85
N MET A 283 1.28 19.57 -5.48
CA MET A 283 1.86 20.74 -6.13
C MET A 283 3.27 21.01 -5.60
N GLY A 284 3.61 20.34 -4.48
CA GLY A 284 4.93 20.50 -3.89
C GLY A 284 5.84 19.31 -4.13
N SER A 285 5.36 18.35 -4.91
CA SER A 285 6.12 17.17 -5.22
C SER A 285 7.26 17.53 -6.13
N SER A 286 8.29 16.70 -6.08
CA SER A 286 9.46 16.89 -6.93
C SER A 286 8.91 16.99 -8.33
N GLU A 287 8.71 15.84 -8.97
CA GLU A 287 8.16 15.83 -10.31
C GLU A 287 6.66 16.09 -10.16
N ALA A 288 6.30 17.27 -9.65
CA ALA A 288 4.90 17.67 -9.42
C ALA A 288 4.02 17.74 -10.67
N LEU A 289 4.59 18.31 -11.72
CA LEU A 289 3.89 18.48 -12.99
C LEU A 289 3.42 17.12 -13.48
N LYS A 290 4.30 16.13 -13.42
CA LYS A 290 4.00 14.77 -13.87
C LYS A 290 3.17 13.99 -12.84
N ASP A 291 3.46 14.19 -11.55
CA ASP A 291 2.76 13.55 -10.43
C ASP A 291 1.28 13.95 -10.39
N ARG A 292 1.02 15.22 -10.72
CA ARG A 292 -0.36 15.68 -10.76
C ARG A 292 -1.10 15.05 -11.94
N TYR A 293 -0.38 14.79 -13.03
CA TYR A 293 -0.93 14.19 -14.25
C TYR A 293 -1.30 12.69 -14.11
N ASP A 294 -0.32 11.85 -13.77
CA ASP A 294 -0.53 10.41 -13.59
C ASP A 294 -1.57 10.14 -12.53
N PHE A 295 -1.74 11.08 -11.61
CA PHE A 295 -2.71 10.90 -10.56
C PHE A 295 -4.08 10.91 -11.22
N MET A 296 -4.49 12.09 -11.68
CA MET A 296 -5.79 12.25 -12.32
C MET A 296 -6.12 11.09 -13.24
N LYS A 297 -5.13 10.65 -14.00
CA LYS A 297 -5.28 9.53 -14.95
C LYS A 297 -5.61 8.24 -14.21
N PHE A 298 -5.07 8.08 -13.00
CA PHE A 298 -5.31 6.91 -12.20
C PHE A 298 -6.73 6.88 -11.69
N GLN A 299 -7.40 8.03 -11.71
CA GLN A 299 -8.77 8.14 -11.26
C GLN A 299 -9.67 7.49 -12.28
N VAL A 300 -9.49 7.89 -13.53
CA VAL A 300 -10.30 7.35 -14.60
C VAL A 300 -10.13 5.84 -14.57
N PHE A 301 -8.88 5.39 -14.53
CA PHE A 301 -8.56 3.97 -14.49
C PHE A 301 -9.34 3.24 -13.37
N GLN A 302 -9.34 3.82 -12.18
CA GLN A 302 -10.05 3.24 -11.05
C GLN A 302 -11.53 3.25 -11.32
N TRP A 303 -12.02 4.37 -11.81
CA TRP A 303 -13.44 4.47 -12.12
C TRP A 303 -13.83 3.46 -13.20
N LEU A 304 -12.90 3.23 -14.11
CA LEU A 304 -13.10 2.32 -15.21
C LEU A 304 -13.02 0.87 -14.80
N ILE A 305 -12.12 0.54 -13.91
CA ILE A 305 -12.07 -0.86 -13.55
C ILE A 305 -12.77 -1.04 -12.24
N GLY A 306 -13.48 0.02 -11.82
CA GLY A 306 -14.21 -0.05 -10.57
C GLY A 306 -13.38 -0.52 -9.40
N ALA A 307 -12.62 0.40 -8.82
CA ALA A 307 -11.79 0.09 -7.66
C ALA A 307 -12.38 0.90 -6.51
N THR A 308 -13.27 0.24 -5.78
CA THR A 308 -13.94 0.84 -4.64
C THR A 308 -13.10 0.87 -3.34
N GLN A 309 -11.87 0.39 -3.40
CA GLN A 309 -11.00 0.46 -2.21
C GLN A 309 -9.68 1.11 -2.60
N GLY A 310 -9.75 2.40 -2.92
CA GLY A 310 -8.57 3.15 -3.32
C GLY A 310 -8.39 4.32 -2.36
N HIS A 311 -8.59 4.02 -1.08
CA HIS A 311 -8.49 5.04 -0.05
C HIS A 311 -7.17 5.75 0.10
N ALA A 312 -7.13 6.61 1.11
CA ALA A 312 -5.95 7.38 1.39
C ALA A 312 -4.76 6.50 1.78
N LYS A 313 -4.97 5.35 2.40
CA LYS A 313 -3.81 4.56 2.76
C LYS A 313 -3.20 3.80 1.60
N ASN A 314 -3.77 3.96 0.41
CA ASN A 314 -3.24 3.29 -0.76
C ASN A 314 -2.49 4.22 -1.73
N PHE A 315 -1.88 5.27 -1.19
CA PHE A 315 -1.09 6.20 -2.00
C PHE A 315 0.09 6.66 -1.17
N SER A 316 1.29 6.69 -1.76
CA SER A 316 2.47 7.07 -1.00
C SER A 316 3.32 8.13 -1.66
N VAL A 317 4.45 8.41 -1.03
CA VAL A 317 5.41 9.36 -1.57
C VAL A 317 6.79 9.06 -0.98
N PHE A 318 7.78 8.90 -1.85
CA PHE A 318 9.12 8.62 -1.41
C PHE A 318 9.51 9.90 -0.72
N ILE A 319 10.31 9.79 0.34
CA ILE A 319 10.79 10.99 1.04
C ILE A 319 12.17 11.24 0.46
N GLN A 320 12.29 12.19 -0.46
CA GLN A 320 13.58 12.49 -1.06
C GLN A 320 14.49 13.31 -0.13
N ALA A 321 15.79 13.10 -0.25
CA ALA A 321 16.74 13.81 0.60
C ALA A 321 16.44 15.30 0.59
N GLY A 322 16.42 15.88 1.79
CA GLY A 322 16.13 17.29 1.92
C GLY A 322 14.67 17.48 2.23
N GLY A 323 14.00 16.41 2.66
CA GLY A 323 12.59 16.47 2.99
C GLY A 323 11.65 16.54 1.80
N SER A 324 12.20 16.79 0.61
CA SER A 324 11.37 16.87 -0.58
C SER A 324 10.76 15.49 -0.86
N TYR A 325 9.68 15.46 -1.62
CA TYR A 325 9.02 14.18 -1.89
C TYR A 325 8.57 14.03 -3.34
N ARG A 326 7.88 12.95 -3.62
CA ARG A 326 7.37 12.70 -4.95
C ARG A 326 6.48 11.48 -4.86
N LEU A 327 5.59 11.35 -5.81
CA LEU A 327 4.64 10.25 -5.82
C LEU A 327 5.29 8.92 -6.18
N THR A 328 4.80 7.83 -5.60
CA THR A 328 5.34 6.47 -5.89
C THR A 328 4.44 5.74 -6.92
N PRO A 329 4.79 4.49 -7.30
CA PRO A 329 3.95 3.74 -8.26
C PRO A 329 2.59 3.46 -7.61
N PHE A 330 1.62 3.02 -8.41
CA PHE A 330 0.27 2.74 -7.90
C PHE A 330 0.08 1.30 -7.46
N TYR A 331 0.36 1.01 -6.20
CA TYR A 331 0.21 -0.34 -5.71
C TYR A 331 -1.24 -0.69 -5.39
N ASP A 332 -1.46 -1.93 -4.97
CA ASP A 332 -2.79 -2.43 -4.61
C ASP A 332 -3.93 -2.08 -5.60
N ILE A 333 -4.17 -2.97 -6.58
CA ILE A 333 -5.20 -2.76 -7.61
C ILE A 333 -6.14 -3.94 -7.84
N ILE A 334 -7.41 -3.69 -7.53
CA ILE A 334 -8.49 -4.66 -7.63
C ILE A 334 -9.80 -4.06 -8.17
N SER A 335 -10.53 -4.84 -8.97
CA SER A 335 -11.82 -4.42 -9.54
C SER A 335 -12.98 -5.08 -8.81
N ALA A 336 -14.03 -4.33 -8.54
CA ALA A 336 -15.16 -4.95 -7.86
C ALA A 336 -16.18 -5.53 -8.85
N PHE A 337 -15.91 -5.38 -10.14
CA PHE A 337 -16.83 -5.86 -11.15
C PHE A 337 -17.17 -7.34 -11.03
N PRO A 338 -16.16 -8.20 -10.90
CA PRO A 338 -16.38 -9.63 -10.78
C PRO A 338 -17.02 -9.99 -9.45
N VAL A 339 -17.87 -9.13 -8.93
CA VAL A 339 -18.53 -9.44 -7.65
C VAL A 339 -19.97 -9.04 -7.78
N LEU A 340 -20.31 -8.52 -8.95
CA LEU A 340 -21.65 -8.07 -9.23
C LEU A 340 -22.62 -9.20 -9.63
N GLY A 341 -23.80 -8.80 -10.12
CA GLY A 341 -24.81 -9.75 -10.56
C GLY A 341 -25.96 -10.02 -9.62
N GLY A 342 -26.43 -11.27 -9.66
CA GLY A 342 -27.53 -11.69 -8.81
C GLY A 342 -27.02 -12.04 -7.43
N THR A 343 -25.85 -11.50 -7.08
CA THR A 343 -25.26 -11.72 -5.77
C THR A 343 -25.69 -10.57 -4.86
N GLY A 344 -26.85 -10.00 -5.13
CA GLY A 344 -27.33 -8.92 -4.30
C GLY A 344 -26.44 -7.69 -4.28
N ILE A 345 -25.62 -7.52 -5.31
CA ILE A 345 -24.75 -6.34 -5.41
C ILE A 345 -24.80 -5.84 -6.83
N HIS A 346 -25.40 -4.66 -6.99
CA HIS A 346 -25.57 -4.03 -8.29
C HIS A 346 -24.55 -2.94 -8.52
N ILE A 347 -24.23 -2.68 -9.78
CA ILE A 347 -23.25 -1.66 -10.10
C ILE A 347 -23.66 -0.30 -9.58
N SER A 348 -24.94 -0.14 -9.28
CA SER A 348 -25.40 1.13 -8.76
C SER A 348 -24.95 1.24 -7.30
N ASP A 349 -24.40 0.16 -6.75
CA ASP A 349 -23.95 0.13 -5.36
C ASP A 349 -22.45 0.39 -5.17
N LEU A 350 -21.64 0.11 -6.19
CA LEU A 350 -20.20 0.31 -6.13
C LEU A 350 -19.87 1.79 -6.09
N LYS A 351 -19.27 2.23 -4.99
CA LYS A 351 -18.89 3.63 -4.85
C LYS A 351 -17.39 3.69 -4.76
N LEU A 352 -16.81 4.82 -5.16
CA LEU A 352 -15.37 5.07 -5.14
C LEU A 352 -14.96 5.60 -3.77
N ALA A 353 -13.68 5.48 -3.42
CA ALA A 353 -13.17 5.94 -2.13
C ALA A 353 -13.19 7.46 -1.99
N MET A 354 -12.63 8.16 -2.97
CA MET A 354 -12.60 9.61 -2.96
C MET A 354 -13.51 10.08 -4.09
N GLY A 355 -14.49 10.91 -3.76
CA GLY A 355 -15.42 11.38 -4.77
C GLY A 355 -14.89 12.52 -5.60
N LEU A 356 -15.57 12.78 -6.72
CA LEU A 356 -15.19 13.83 -7.65
C LEU A 356 -16.11 15.04 -7.51
N ASN A 357 -15.65 16.20 -7.99
CA ASN A 357 -16.43 17.43 -7.95
C ASN A 357 -17.72 17.22 -8.73
N ALA A 358 -18.82 17.11 -8.00
CA ALA A 358 -20.11 16.92 -8.64
C ALA A 358 -20.86 18.24 -8.57
N SER A 359 -22.12 18.19 -9.00
CA SER A 359 -22.99 19.35 -8.98
C SER A 359 -23.37 19.67 -7.54
N LYS A 360 -23.38 18.66 -6.68
CA LYS A 360 -23.70 18.84 -5.26
C LYS A 360 -22.78 17.97 -4.42
N GLY A 361 -21.71 18.60 -3.92
CA GLY A 361 -20.70 17.94 -3.11
C GLY A 361 -19.79 17.02 -3.92
N LYS A 362 -19.81 15.74 -3.57
CA LYS A 362 -19.02 14.71 -4.24
C LYS A 362 -19.90 13.60 -4.78
N LYS A 363 -19.46 13.03 -5.90
CA LYS A 363 -20.18 11.93 -6.53
C LYS A 363 -19.24 10.74 -6.48
N THR A 364 -19.76 9.61 -6.01
CA THR A 364 -18.97 8.40 -5.89
C THR A 364 -19.50 7.22 -6.70
N ALA A 365 -20.79 6.91 -6.61
CA ALA A 365 -21.31 5.76 -7.35
C ALA A 365 -20.75 5.71 -8.77
N ILE A 366 -19.91 4.70 -9.00
CA ILE A 366 -19.25 4.50 -10.29
C ILE A 366 -20.27 4.43 -11.43
N ASP A 367 -21.50 4.06 -11.09
CA ASP A 367 -22.56 3.95 -12.08
C ASP A 367 -23.20 5.32 -12.36
N LYS A 368 -22.55 6.40 -11.91
CA LYS A 368 -23.09 7.75 -12.11
C LYS A 368 -22.05 8.75 -12.64
N ILE A 369 -20.77 8.40 -12.58
CA ILE A 369 -19.71 9.28 -13.03
C ILE A 369 -19.50 9.33 -14.52
N TYR A 370 -19.66 10.55 -15.07
CA TYR A 370 -19.50 10.85 -16.51
C TYR A 370 -18.34 11.85 -16.73
N PRO A 371 -17.90 12.03 -17.98
CA PRO A 371 -16.79 12.95 -18.29
C PRO A 371 -16.90 14.28 -17.55
N ARG A 372 -18.09 14.89 -17.57
CA ARG A 372 -18.31 16.17 -16.91
C ARG A 372 -17.83 16.19 -15.47
N HIS A 373 -17.95 15.06 -14.77
CA HIS A 373 -17.52 14.98 -13.40
C HIS A 373 -16.00 15.03 -13.28
N PHE A 374 -15.31 14.31 -14.18
CA PHE A 374 -13.85 14.29 -14.15
C PHE A 374 -13.27 15.68 -14.45
N LEU A 375 -13.88 16.41 -15.39
CA LEU A 375 -13.44 17.76 -15.75
C LEU A 375 -13.73 18.75 -14.60
N ALA A 376 -14.98 18.81 -14.14
CA ALA A 376 -15.37 19.68 -13.03
C ALA A 376 -14.40 19.47 -11.89
N THR A 377 -13.86 18.27 -11.78
CA THR A 377 -12.91 17.98 -10.73
C THR A 377 -11.63 18.76 -10.96
N ALA A 378 -11.06 18.61 -12.16
CA ALA A 378 -9.82 19.31 -12.51
C ALA A 378 -10.04 20.82 -12.55
N LYS A 379 -11.22 21.22 -12.99
CA LYS A 379 -11.55 22.63 -13.07
C LYS A 379 -11.37 23.27 -11.72
N VAL A 380 -11.98 22.65 -10.71
CA VAL A 380 -11.96 23.12 -9.33
C VAL A 380 -10.56 23.06 -8.67
N LEU A 381 -9.78 22.03 -9.02
CA LEU A 381 -8.42 21.77 -8.50
C LEU A 381 -7.24 22.41 -9.27
N ARG A 382 -7.57 23.40 -10.11
CA ARG A 382 -6.59 24.12 -10.92
C ARG A 382 -5.70 23.18 -11.71
N PHE A 383 -6.29 22.09 -12.18
CA PHE A 383 -5.58 21.14 -12.99
C PHE A 383 -5.99 21.47 -14.40
N PRO A 384 -5.05 21.94 -15.23
CA PRO A 384 -5.37 22.30 -16.62
C PRO A 384 -6.36 21.37 -17.31
N GLU A 385 -7.48 21.92 -17.78
CA GLU A 385 -8.51 21.14 -18.47
C GLU A 385 -7.96 20.57 -19.75
N VAL A 386 -7.25 21.39 -20.51
CA VAL A 386 -6.65 20.94 -21.75
C VAL A 386 -5.79 19.71 -21.52
N GLN A 387 -5.53 19.36 -20.26
CA GLN A 387 -4.70 18.21 -19.90
C GLN A 387 -5.50 17.00 -19.47
N MET A 388 -6.74 17.25 -19.04
CA MET A 388 -7.68 16.22 -18.58
C MET A 388 -8.39 15.63 -19.80
N HIS A 389 -8.77 16.49 -20.73
CA HIS A 389 -9.40 16.03 -21.95
C HIS A 389 -8.49 15.00 -22.58
N GLU A 390 -7.19 15.28 -22.57
CA GLU A 390 -6.17 14.40 -23.14
C GLU A 390 -6.25 13.04 -22.49
N ILE A 391 -6.46 13.05 -21.18
CA ILE A 391 -6.55 11.81 -20.40
C ILE A 391 -7.81 11.05 -20.76
N LEU A 392 -8.98 11.66 -20.54
CA LEU A 392 -10.20 10.97 -20.89
C LEU A 392 -10.09 10.45 -22.33
N SER A 393 -9.41 11.24 -23.17
CA SER A 393 -9.19 10.92 -24.58
C SER A 393 -8.49 9.58 -24.75
N ASP A 394 -7.19 9.59 -24.56
CA ASP A 394 -6.43 8.38 -24.72
C ASP A 394 -7.19 7.17 -24.27
N PHE A 395 -7.84 7.26 -23.13
CA PHE A 395 -8.63 6.13 -22.65
C PHE A 395 -9.64 5.67 -23.66
N ALA A 396 -10.41 6.60 -24.20
CA ALA A 396 -11.41 6.25 -25.19
C ALA A 396 -10.75 5.43 -26.30
N ARG A 397 -9.57 5.83 -26.74
CA ARG A 397 -8.90 5.12 -27.84
C ARG A 397 -8.07 3.91 -27.47
N MET A 398 -7.67 3.82 -26.22
CA MET A 398 -6.77 2.75 -25.88
C MET A 398 -7.41 1.53 -25.21
N ILE A 399 -8.18 1.77 -24.17
CA ILE A 399 -8.82 0.71 -23.41
C ILE A 399 -9.33 -0.44 -24.26
N PRO A 400 -10.17 -0.18 -25.26
CA PRO A 400 -10.68 -1.27 -26.10
C PRO A 400 -9.61 -2.33 -26.43
N ALA A 401 -8.47 -1.87 -26.93
CA ALA A 401 -7.37 -2.78 -27.28
C ALA A 401 -6.66 -3.34 -26.05
N ALA A 402 -6.52 -2.52 -25.01
CA ALA A 402 -5.85 -2.94 -23.78
C ALA A 402 -6.51 -4.22 -23.25
N LEU A 403 -7.81 -4.17 -23.02
CA LEU A 403 -8.53 -5.34 -22.55
C LEU A 403 -8.33 -6.58 -23.42
N ASP A 404 -7.73 -6.38 -24.59
CA ASP A 404 -7.48 -7.48 -25.52
C ASP A 404 -6.04 -7.95 -25.41
N ASN A 405 -5.11 -7.02 -25.55
CA ASN A 405 -3.72 -7.41 -25.46
C ASN A 405 -3.50 -8.19 -24.18
N VAL A 406 -4.26 -7.88 -23.14
CA VAL A 406 -4.13 -8.59 -21.88
C VAL A 406 -4.66 -10.00 -21.97
N LYS A 407 -5.81 -10.17 -22.61
CA LYS A 407 -6.39 -11.50 -22.70
C LYS A 407 -5.42 -12.47 -23.29
N THR A 408 -4.63 -12.01 -24.24
CA THR A 408 -3.64 -12.87 -24.89
C THR A 408 -2.42 -13.15 -24.03
N SER A 409 -2.19 -12.31 -23.02
CA SER A 409 -1.06 -12.51 -22.14
C SER A 409 -1.49 -13.00 -20.75
N LEU A 410 -2.47 -13.88 -20.70
CA LEU A 410 -2.94 -14.40 -19.41
C LEU A 410 -2.51 -15.85 -19.20
N PRO A 411 -2.37 -16.27 -17.93
CA PRO A 411 -1.96 -17.63 -17.59
C PRO A 411 -2.89 -18.67 -18.23
N THR A 412 -2.68 -19.95 -17.92
CA THR A 412 -3.49 -21.04 -18.48
C THR A 412 -4.69 -21.32 -17.57
N ASP A 413 -4.40 -21.41 -16.27
CA ASP A 413 -5.34 -21.67 -15.18
C ASP A 413 -6.09 -20.43 -14.66
N PHE A 414 -5.98 -19.35 -15.42
CA PHE A 414 -6.62 -18.09 -15.05
C PHE A 414 -8.12 -18.11 -15.33
N PRO A 415 -8.93 -17.85 -14.29
CA PRO A 415 -10.40 -17.81 -14.30
C PRO A 415 -10.97 -17.06 -15.48
N GLU A 416 -11.33 -17.81 -16.51
CA GLU A 416 -11.87 -17.22 -17.71
C GLU A 416 -13.03 -16.32 -17.39
N ASN A 417 -13.61 -16.50 -16.20
CA ASN A 417 -14.77 -15.68 -15.82
C ASN A 417 -14.43 -14.32 -15.20
N VAL A 418 -13.26 -14.21 -14.57
CA VAL A 418 -12.87 -12.94 -13.99
C VAL A 418 -12.86 -11.92 -15.11
N VAL A 419 -12.10 -12.21 -16.17
CA VAL A 419 -11.98 -11.35 -17.37
C VAL A 419 -13.38 -10.95 -17.87
N THR A 420 -14.30 -11.91 -17.91
CA THR A 420 -15.67 -11.69 -18.36
C THR A 420 -16.41 -10.55 -17.64
N ALA A 421 -16.42 -10.60 -16.30
CA ALA A 421 -17.08 -9.62 -15.45
C ALA A 421 -16.37 -8.29 -15.40
N VAL A 422 -15.12 -8.28 -15.82
CA VAL A 422 -14.35 -7.05 -15.83
C VAL A 422 -14.38 -6.37 -17.17
N GLU A 423 -13.94 -7.06 -18.22
CA GLU A 423 -13.91 -6.43 -19.53
C GLU A 423 -15.29 -6.06 -20.05
N SER A 424 -16.33 -6.57 -19.41
CA SER A 424 -17.66 -6.21 -19.84
C SER A 424 -18.01 -4.84 -19.29
N ASN A 425 -17.82 -4.67 -17.98
CA ASN A 425 -18.11 -3.40 -17.31
C ASN A 425 -17.18 -2.28 -17.71
N VAL A 426 -15.89 -2.60 -17.82
CA VAL A 426 -14.88 -1.62 -18.18
C VAL A 426 -15.27 -1.03 -19.52
N LEU A 427 -15.89 -1.88 -20.35
CA LEU A 427 -16.38 -1.54 -21.71
C LEU A 427 -17.70 -0.75 -21.69
N ARG A 428 -18.58 -1.07 -20.74
CA ARG A 428 -19.83 -0.35 -20.62
C ARG A 428 -19.56 1.09 -20.23
N LEU A 429 -18.60 1.26 -19.32
CA LEU A 429 -18.17 2.55 -18.79
C LEU A 429 -17.35 3.30 -19.82
N HIS A 430 -16.47 2.57 -20.49
CA HIS A 430 -15.62 3.14 -21.51
C HIS A 430 -16.50 3.83 -22.54
N GLY A 431 -17.70 3.28 -22.71
CA GLY A 431 -18.66 3.81 -23.68
C GLY A 431 -19.01 5.26 -23.46
N ARG A 432 -19.16 5.64 -22.20
CA ARG A 432 -19.48 6.99 -21.84
C ARG A 432 -18.40 7.94 -22.36
N LEU A 433 -17.22 7.39 -22.61
CA LEU A 433 -16.07 8.16 -23.11
C LEU A 433 -16.11 8.38 -24.60
N SER A 434 -16.27 7.29 -25.34
CA SER A 434 -16.34 7.32 -26.81
C SER A 434 -17.36 8.36 -27.29
N ARG A 435 -18.50 8.32 -26.62
CA ARG A 435 -19.66 9.18 -26.87
C ARG A 435 -19.38 10.68 -26.60
N GLU A 436 -18.14 11.01 -26.29
CA GLU A 436 -17.76 12.38 -26.01
C GLU A 436 -16.43 12.69 -26.68
N TYR A 437 -15.53 11.71 -26.65
CA TYR A 437 -14.21 11.86 -27.24
C TYR A 437 -14.00 10.83 -28.34
N UNK B 1 -11.71 8.09 22.80
CA UNK B 1 -12.60 7.09 22.19
C UNK B 1 -12.78 7.34 20.70
N UNK B 2 -12.97 6.22 19.95
CA UNK B 2 -13.18 6.31 18.53
C UNK B 2 -14.08 5.32 17.86
N UNK B 3 -14.91 6.00 17.12
CA UNK B 3 -15.80 5.46 16.11
C UNK B 3 -14.68 5.09 15.15
N UNK B 4 -14.78 3.95 14.43
CA UNK B 4 -13.55 3.51 13.74
C UNK B 4 -13.53 2.99 12.28
N UNK B 5 -12.41 2.26 11.96
CA UNK B 5 -11.91 1.68 10.68
C UNK B 5 -12.65 0.51 9.97
N UNK B 6 -11.81 -0.55 9.76
CA UNK B 6 -12.15 -1.83 9.20
C UNK B 6 -12.90 -2.56 10.30
N UNK B 7 -14.14 -2.81 10.08
CA UNK B 7 -15.09 -3.49 10.97
C UNK B 7 -14.71 -4.17 12.31
N UNK B 8 -13.47 -4.37 12.72
CA UNK B 8 -13.22 -5.07 13.99
C UNK B 8 -13.92 -4.44 15.22
N UNK B 9 -14.09 -5.19 16.31
CA UNK B 9 -14.71 -4.68 17.53
C UNK B 9 -13.75 -4.72 18.71
#